data_8DE8
#
_entry.id   8DE8
#
_cell.length_a   1.00
_cell.length_b   1.00
_cell.length_c   1.00
_cell.angle_alpha   90.00
_cell.angle_beta   90.00
_cell.angle_gamma   90.00
#
_symmetry.space_group_name_H-M   'P 1'
#
loop_
_entity.id
_entity.type
_entity.pdbx_description
1 polymer 'Potassium channel, subfamily K, member 2a'
2 non-polymer '(2R)-1-(hexadecanoyloxy)-3-(phosphonooxy)propan-2-yl (9Z)-octadec-9-enoate'
3 non-polymer 'POTASSIUM ION'
#
_entity_poly.entity_id   1
_entity_poly.type   'polypeptide(L)'
_entity_poly.pdbx_seq_one_letter_code
;MAAPDLLDPKSATHNTKPRLSFSSKPIVYNSGDDCESITTVMKWKTVLAIFLLVVLYLIIGATVFKALEQPEEGLQKYRI
IQEKIDFLSMHTCVQTSELEDLVKQVVLAIRAGVNPSGHPSQESSMWDLSSSFFFAGTVITTIGFGNVSPHTEGGRIFCI
IYALLGIPLFGFLLAGVGDQLGTIFGKGIAKVEKMFVKWNVSQTKIRVTSTVLFILFGCLLFVALPALIFQHIEGWSALE
SIYFVVITLTTIGFGDFVAGGSEIEYLDYYKPIVWFWILVGLAYFAAVLSMIGDWLRVISKKTKEEVGEFRAHAAEWTAN
V
;
_entity_poly.pdbx_strand_id   B,A
#
loop_
_chem_comp.id
_chem_comp.type
_chem_comp.name
_chem_comp.formula
D21 non-polymer '(2R)-1-(hexadecanoyloxy)-3-(phosphonooxy)propan-2-yl (9Z)-octadec-9-enoate' 'C37 H71 O8 P'
K non-polymer 'POTASSIUM ION' 'K 1'
#
# COMPACT_ATOMS: atom_id res chain seq x y z
N THR A 40 -12.86 24.80 4.42
CA THR A 40 -13.82 23.72 4.24
C THR A 40 -14.66 23.93 2.98
N VAL A 41 -15.24 22.83 2.48
CA VAL A 41 -16.08 22.75 1.29
C VAL A 41 -15.40 23.42 0.09
N MET A 42 -14.33 22.77 -0.39
CA MET A 42 -13.54 23.28 -1.51
C MET A 42 -14.42 23.51 -2.74
N LYS A 43 -14.27 24.67 -3.37
CA LYS A 43 -15.10 25.04 -4.50
C LYS A 43 -14.82 24.15 -5.70
N TRP A 44 -15.83 24.05 -6.58
CA TRP A 44 -15.72 23.23 -7.77
C TRP A 44 -14.66 23.75 -8.75
N LYS A 45 -14.34 25.04 -8.71
CA LYS A 45 -13.30 25.57 -9.59
C LYS A 45 -11.91 25.13 -9.14
N THR A 46 -11.67 25.14 -7.82
CA THR A 46 -10.38 24.71 -7.30
C THR A 46 -10.11 23.24 -7.59
N VAL A 47 -11.16 22.41 -7.52
CA VAL A 47 -11.00 20.98 -7.75
C VAL A 47 -10.52 20.70 -9.17
N LEU A 48 -11.06 21.44 -10.15
CA LEU A 48 -10.63 21.26 -11.54
C LEU A 48 -9.16 21.63 -11.72
N ALA A 49 -8.72 22.71 -11.09
CA ALA A 49 -7.32 23.12 -11.20
C ALA A 49 -6.40 22.11 -10.55
N ILE A 50 -6.79 21.60 -9.38
CA ILE A 50 -5.98 20.60 -8.69
C ILE A 50 -5.92 19.31 -9.53
N PHE A 51 -7.03 18.96 -10.16
CA PHE A 51 -7.05 17.79 -11.04
C PHE A 51 -6.11 17.95 -12.22
N LEU A 52 -6.10 19.14 -12.85
CA LEU A 52 -5.19 19.37 -13.96
C LEU A 52 -3.73 19.32 -13.50
N LEU A 53 -3.45 19.87 -12.32
CA LEU A 53 -2.09 19.80 -11.78
C LEU A 53 -1.67 18.36 -11.53
N VAL A 54 -2.58 17.54 -10.99
CA VAL A 54 -2.27 16.14 -10.73
C VAL A 54 -2.02 15.39 -12.03
N VAL A 55 -2.82 15.65 -13.06
CA VAL A 55 -2.63 14.98 -14.34
C VAL A 55 -1.31 15.39 -14.98
N LEU A 56 -0.93 16.66 -14.86
CA LEU A 56 0.36 17.09 -15.38
C LEU A 56 1.51 16.45 -14.62
N TYR A 57 1.35 16.30 -13.30
CA TYR A 57 2.37 15.63 -12.49
C TYR A 57 2.53 14.18 -12.90
N LEU A 58 1.42 13.50 -13.18
CA LEU A 58 1.49 12.12 -13.65
C LEU A 58 2.12 12.01 -15.02
N ILE A 59 1.82 12.95 -15.93
CA ILE A 59 2.45 12.91 -17.25
C ILE A 59 3.97 13.07 -17.13
N ILE A 60 4.41 13.95 -16.23
CA ILE A 60 5.84 14.18 -16.09
C ILE A 60 6.51 12.97 -15.46
N GLY A 61 5.90 12.40 -14.41
CA GLY A 61 6.45 11.21 -13.80
C GLY A 61 6.50 10.03 -14.75
N ALA A 62 5.44 9.86 -15.56
CA ALA A 62 5.41 8.79 -16.54
C ALA A 62 6.52 8.94 -17.56
N THR A 63 6.72 10.16 -18.08
CA THR A 63 7.79 10.38 -19.05
C THR A 63 9.14 10.04 -18.45
N VAL A 64 9.41 10.51 -17.23
CA VAL A 64 10.72 10.27 -16.61
C VAL A 64 10.93 8.78 -16.36
N PHE A 65 9.90 8.11 -15.81
CA PHE A 65 10.02 6.68 -15.52
C PHE A 65 10.22 5.90 -16.81
N LYS A 66 9.49 6.22 -17.85
CA LYS A 66 9.64 5.50 -19.12
C LYS A 66 11.03 5.68 -19.72
N ALA A 67 11.55 6.91 -19.66
CA ALA A 67 12.88 7.22 -20.18
C ALA A 67 13.98 6.52 -19.40
N LEU A 68 13.80 6.37 -18.09
CA LEU A 68 14.84 5.76 -17.29
C LEU A 68 14.79 4.23 -17.33
N GLU A 69 13.58 3.66 -17.39
CA GLU A 69 13.43 2.22 -17.19
C GLU A 69 13.38 1.37 -18.45
N GLN A 70 13.26 1.95 -19.65
CA GLN A 70 13.25 0.98 -20.77
C GLN A 70 14.53 0.17 -21.02
N PRO A 71 15.75 0.76 -20.94
CA PRO A 71 16.95 -0.05 -21.25
C PRO A 71 17.16 -1.24 -20.34
N GLU A 72 16.91 -1.07 -19.03
CA GLU A 72 17.12 -2.17 -18.09
C GLU A 72 16.21 -3.35 -18.43
N GLU A 73 14.96 -3.07 -18.82
CA GLU A 73 14.05 -4.13 -19.18
C GLU A 73 14.47 -4.79 -20.48
N GLY A 74 15.02 -4.02 -21.43
CA GLY A 74 15.50 -4.63 -22.65
C GLY A 74 16.64 -5.60 -22.41
N LEU A 75 17.59 -5.19 -21.56
CA LEU A 75 18.71 -6.08 -21.23
C LEU A 75 18.24 -7.32 -20.50
N GLN A 76 17.28 -7.17 -19.57
CA GLN A 76 16.78 -8.32 -18.84
C GLN A 76 16.08 -9.32 -19.78
N LYS A 77 15.29 -8.81 -20.72
CA LYS A 77 14.63 -9.69 -21.70
C LYS A 77 15.65 -10.45 -22.54
N TYR A 78 16.69 -9.76 -23.04
CA TYR A 78 17.71 -10.50 -23.79
C TYR A 78 18.43 -11.51 -22.92
N ARG A 79 18.69 -11.16 -21.65
CA ARG A 79 19.41 -12.09 -20.77
C ARG A 79 18.60 -13.38 -20.58
N ILE A 80 17.30 -13.25 -20.32
CA ILE A 80 16.50 -14.46 -20.08
C ILE A 80 16.34 -15.28 -21.35
N ILE A 81 16.20 -14.63 -22.51
CA ILE A 81 16.06 -15.40 -23.75
C ILE A 81 17.36 -16.12 -24.06
N GLN A 82 18.51 -15.46 -23.86
CA GLN A 82 19.79 -16.11 -24.10
C GLN A 82 20.03 -17.24 -23.11
N GLU A 83 19.58 -17.09 -21.87
CA GLU A 83 19.74 -18.17 -20.89
C GLU A 83 18.93 -19.40 -21.29
N LYS A 84 17.69 -19.19 -21.77
CA LYS A 84 16.88 -20.34 -22.18
C LYS A 84 17.45 -21.02 -23.42
N ILE A 85 17.87 -20.23 -24.42
CA ILE A 85 18.44 -20.86 -25.62
C ILE A 85 19.76 -21.56 -25.30
N ASP A 86 20.53 -21.03 -24.35
CA ASP A 86 21.75 -21.69 -23.91
C ASP A 86 21.43 -23.02 -23.23
N PHE A 87 20.41 -23.05 -22.37
CA PHE A 87 20.02 -24.28 -21.70
C PHE A 87 19.57 -25.32 -22.72
N LEU A 88 18.75 -24.93 -23.69
CA LEU A 88 18.29 -25.89 -24.69
C LEU A 88 19.42 -26.34 -25.61
N SER A 89 20.42 -25.49 -25.84
CA SER A 89 21.58 -25.91 -26.62
C SER A 89 22.44 -26.90 -25.85
N MET A 90 22.69 -26.63 -24.57
CA MET A 90 23.53 -27.49 -23.75
C MET A 90 22.89 -28.86 -23.50
N HIS A 91 21.58 -28.90 -23.24
CA HIS A 91 20.92 -30.17 -22.97
C HIS A 91 20.11 -30.62 -24.19
N THR A 92 20.52 -31.75 -24.77
CA THR A 92 19.88 -32.27 -25.98
C THR A 92 18.51 -32.87 -25.69
N CYS A 93 18.37 -33.61 -24.57
CA CYS A 93 17.13 -34.34 -24.33
C CYS A 93 15.95 -33.40 -24.15
N VAL A 94 16.16 -32.25 -23.50
CA VAL A 94 15.08 -31.30 -23.25
C VAL A 94 14.54 -30.77 -24.57
N GLN A 95 13.23 -30.51 -24.59
CA GLN A 95 12.54 -29.90 -25.73
C GLN A 95 11.79 -28.68 -25.25
N THR A 96 11.48 -27.80 -26.20
CA THR A 96 10.95 -26.48 -25.87
C THR A 96 9.60 -26.53 -25.16
N SER A 97 8.70 -27.45 -25.56
CA SER A 97 7.40 -27.52 -24.90
C SER A 97 7.52 -27.94 -23.44
N GLU A 98 8.33 -28.96 -23.16
CA GLU A 98 8.54 -29.39 -21.78
C GLU A 98 9.24 -28.31 -20.96
N LEU A 99 10.21 -27.60 -21.57
CA LEU A 99 10.90 -26.55 -20.82
C LEU A 99 9.97 -25.39 -20.50
N GLU A 100 9.09 -25.03 -21.44
CA GLU A 100 8.11 -23.98 -21.15
C GLU A 100 7.10 -24.44 -20.10
N ASP A 101 6.75 -25.74 -20.11
CA ASP A 101 5.87 -26.26 -19.08
C ASP A 101 6.52 -26.18 -17.70
N LEU A 102 7.81 -26.51 -17.62
CA LEU A 102 8.53 -26.39 -16.35
C LEU A 102 8.60 -24.94 -15.88
N VAL A 103 8.84 -24.01 -16.81
CA VAL A 103 8.88 -22.60 -16.45
C VAL A 103 7.52 -22.14 -15.95
N LYS A 104 6.44 -22.62 -16.56
CA LYS A 104 5.10 -22.31 -16.08
C LYS A 104 4.87 -22.85 -14.67
N GLN A 105 5.33 -24.08 -14.41
CA GLN A 105 5.18 -24.65 -13.08
C GLN A 105 5.93 -23.82 -12.04
N VAL A 106 7.13 -23.35 -12.39
CA VAL A 106 7.89 -22.49 -11.49
C VAL A 106 7.15 -21.18 -11.23
N VAL A 107 6.59 -20.58 -12.28
CA VAL A 107 5.88 -19.31 -12.14
C VAL A 107 4.65 -19.47 -11.24
N LEU A 108 3.89 -20.56 -11.42
CA LEU A 108 2.80 -20.84 -10.49
C LEU A 108 3.29 -21.10 -9.07
N ALA A 109 4.45 -21.73 -8.92
CA ALA A 109 5.00 -21.95 -7.59
C ALA A 109 5.30 -20.63 -6.89
N ILE A 110 5.88 -19.67 -7.62
CA ILE A 110 6.13 -18.35 -7.04
C ILE A 110 4.82 -17.63 -6.74
N ARG A 111 3.82 -17.78 -7.62
CA ARG A 111 2.52 -17.17 -7.37
C ARG A 111 1.88 -17.74 -6.10
N ALA A 112 2.08 -19.03 -5.84
CA ALA A 112 1.52 -19.67 -4.66
C ALA A 112 2.29 -19.35 -3.39
N GLY A 113 3.39 -18.61 -3.48
CA GLY A 113 4.17 -18.22 -2.32
C GLY A 113 5.25 -19.17 -1.89
N VAL A 114 5.40 -20.32 -2.54
CA VAL A 114 6.41 -21.30 -2.16
C VAL A 114 7.69 -21.05 -2.95
N ASN A 115 8.83 -21.25 -2.30
CA ASN A 115 10.13 -21.07 -2.95
C ASN A 115 10.42 -22.24 -3.89
N PRO A 116 10.57 -21.99 -5.21
CA PRO A 116 10.90 -23.08 -6.13
C PRO A 116 12.30 -23.64 -5.93
N SER A 117 13.29 -22.77 -5.79
CA SER A 117 14.67 -23.20 -5.72
C SER A 117 14.99 -23.80 -4.37
N GLY A 118 15.73 -24.91 -4.38
CA GLY A 118 16.07 -25.62 -3.17
C GLY A 118 14.96 -26.55 -2.72
N HIS A 119 15.26 -27.31 -1.67
CA HIS A 119 14.27 -28.19 -1.07
C HIS A 119 13.78 -27.55 0.22
N PRO A 120 12.63 -26.86 0.22
CA PRO A 120 12.17 -26.21 1.44
C PRO A 120 11.68 -27.22 2.47
N SER A 121 12.20 -27.11 3.69
CA SER A 121 11.80 -28.02 4.75
C SER A 121 10.35 -27.78 5.13
N GLN A 122 9.66 -28.87 5.50
CA GLN A 122 8.28 -28.75 5.94
C GLN A 122 8.17 -27.97 7.25
N GLU A 123 9.15 -28.10 8.13
CA GLU A 123 9.11 -27.37 9.40
C GLU A 123 9.18 -25.87 9.20
N SER A 124 9.89 -25.40 8.18
CA SER A 124 10.07 -23.96 7.96
C SER A 124 8.87 -23.40 7.21
N SER A 125 7.74 -23.37 7.90
CA SER A 125 6.53 -22.80 7.33
C SER A 125 6.62 -21.27 7.29
N MET A 126 6.16 -20.69 6.19
CA MET A 126 6.20 -19.26 5.98
C MET A 126 4.94 -18.57 6.51
N TRP A 127 3.92 -19.34 6.92
CA TRP A 127 2.65 -18.84 7.42
C TRP A 127 2.53 -18.99 8.94
N ASP A 128 3.66 -19.02 9.66
CA ASP A 128 3.63 -19.18 11.11
C ASP A 128 3.14 -17.89 11.79
N LEU A 129 2.94 -18.00 13.11
CA LEU A 129 2.39 -16.90 13.89
C LEU A 129 3.19 -15.61 13.77
N SER A 130 4.52 -15.70 13.69
CA SER A 130 5.32 -14.49 13.51
C SER A 130 5.03 -13.85 12.15
N SER A 131 4.87 -14.67 11.12
CA SER A 131 4.59 -14.17 9.79
C SER A 131 3.14 -13.73 9.69
N SER A 132 2.23 -14.49 10.29
CA SER A 132 0.82 -14.09 10.27
C SER A 132 0.65 -12.78 11.03
N PHE A 133 1.41 -12.59 12.11
CA PHE A 133 1.41 -11.31 12.82
C PHE A 133 1.90 -10.19 11.92
N PHE A 134 2.99 -10.44 11.19
CA PHE A 134 3.50 -9.43 10.25
C PHE A 134 2.47 -9.10 9.18
N PHE A 135 1.82 -10.13 8.64
CA PHE A 135 0.80 -9.94 7.61
C PHE A 135 -0.38 -9.13 8.13
N ALA A 136 -0.90 -9.49 9.31
CA ALA A 136 -2.03 -8.74 9.86
C ALA A 136 -1.65 -7.31 10.19
N GLY A 137 -0.39 -7.09 10.57
CA GLY A 137 0.07 -5.73 10.80
C GLY A 137 0.12 -4.92 9.52
N THR A 138 0.60 -5.53 8.43
CA THR A 138 0.60 -4.82 7.14
C THR A 138 -0.81 -4.58 6.64
N VAL A 139 -1.75 -5.50 6.89
CA VAL A 139 -3.13 -5.29 6.44
C VAL A 139 -3.76 -4.11 7.17
N ILE A 140 -3.65 -4.08 8.50
CA ILE A 140 -4.27 -2.98 9.23
C ILE A 140 -3.53 -1.66 8.96
N THR A 141 -2.21 -1.72 8.80
CA THR A 141 -1.42 -0.53 8.52
C THR A 141 -1.69 0.03 7.13
N THR A 142 -2.09 -0.84 6.19
CA THR A 142 -2.33 -0.58 4.76
C THR A 142 -1.02 -0.46 3.99
N ILE A 143 0.08 -0.97 4.52
CA ILE A 143 1.31 -1.03 3.75
C ILE A 143 1.19 -2.08 2.65
N GLY A 144 0.68 -3.26 3.00
CA GLY A 144 0.41 -4.33 2.06
C GLY A 144 1.57 -4.71 1.16
N PHE A 145 2.62 -5.31 1.73
CA PHE A 145 3.81 -5.63 0.93
C PHE A 145 3.49 -6.60 -0.19
N GLY A 146 2.66 -7.60 0.07
CA GLY A 146 2.22 -8.51 -0.96
C GLY A 146 3.04 -9.76 -1.13
N ASN A 147 4.15 -9.91 -0.40
CA ASN A 147 4.90 -11.16 -0.45
C ASN A 147 4.03 -12.30 0.06
N VAL A 148 3.26 -12.04 1.12
CA VAL A 148 2.33 -12.99 1.69
C VAL A 148 0.92 -12.51 1.35
N SER A 149 0.13 -13.40 0.77
CA SER A 149 -1.23 -13.10 0.34
C SER A 149 -2.13 -14.24 0.75
N PRO A 150 -3.45 -14.02 0.81
CA PRO A 150 -4.35 -15.10 1.24
C PRO A 150 -4.35 -16.35 0.37
N HIS A 151 -4.71 -16.25 -0.91
CA HIS A 151 -4.69 -17.35 -1.90
C HIS A 151 -5.84 -18.33 -1.71
N THR A 152 -6.74 -18.13 -0.74
CA THR A 152 -7.85 -19.04 -0.50
C THR A 152 -9.13 -18.24 -0.27
N GLU A 153 -10.27 -18.88 -0.51
CA GLU A 153 -11.56 -18.24 -0.33
C GLU A 153 -11.78 -17.76 1.10
N GLY A 154 -11.36 -18.54 2.09
CA GLY A 154 -11.60 -18.16 3.46
C GLY A 154 -10.61 -17.11 3.92
N GLY A 155 -9.37 -17.23 3.46
CA GLY A 155 -8.39 -16.21 3.77
C GLY A 155 -8.76 -14.86 3.19
N ARG A 156 -9.26 -14.85 1.95
CA ARG A 156 -9.67 -13.61 1.31
C ARG A 156 -10.91 -12.99 1.98
N ILE A 157 -11.91 -13.80 2.33
CA ILE A 157 -13.08 -13.26 3.02
C ILE A 157 -12.68 -12.69 4.38
N PHE A 158 -11.88 -13.44 5.15
CA PHE A 158 -11.46 -12.95 6.45
C PHE A 158 -10.55 -11.74 6.31
N CYS A 159 -9.77 -11.67 5.23
CA CYS A 159 -8.95 -10.48 4.98
C CYS A 159 -9.82 -9.26 4.74
N ILE A 160 -10.91 -9.42 3.98
CA ILE A 160 -11.78 -8.28 3.69
C ILE A 160 -12.42 -7.77 4.97
N ILE A 161 -13.01 -8.68 5.77
CA ILE A 161 -13.65 -8.25 7.01
C ILE A 161 -12.62 -7.70 8.00
N TYR A 162 -11.46 -8.33 8.06
CA TYR A 162 -10.43 -7.96 9.01
C TYR A 162 -9.86 -6.59 8.70
N ALA A 163 -9.60 -6.31 7.41
CA ALA A 163 -9.15 -4.99 7.02
C ALA A 163 -10.21 -3.94 7.31
N LEU A 164 -11.47 -4.22 6.95
CA LEU A 164 -12.53 -3.23 7.13
C LEU A 164 -12.66 -2.83 8.59
N LEU A 165 -12.61 -3.79 9.51
CA LEU A 165 -12.60 -3.43 10.92
C LEU A 165 -11.27 -2.80 11.35
N GLY A 166 -10.15 -3.32 10.84
CA GLY A 166 -8.84 -2.95 11.35
C GLY A 166 -8.40 -1.52 11.08
N ILE A 167 -8.70 -0.96 9.90
CA ILE A 167 -8.16 0.36 9.55
C ILE A 167 -8.60 1.47 10.51
N PRO A 168 -9.88 1.59 10.92
CA PRO A 168 -10.21 2.63 11.91
C PRO A 168 -9.46 2.49 13.23
N LEU A 169 -9.29 1.26 13.73
CA LEU A 169 -8.60 1.04 14.99
C LEU A 169 -7.16 1.52 14.91
N PHE A 170 -6.46 1.18 13.83
CA PHE A 170 -5.10 1.66 13.66
C PHE A 170 -5.07 3.17 13.49
N GLY A 171 -6.00 3.74 12.72
CA GLY A 171 -6.05 5.19 12.63
C GLY A 171 -6.14 5.86 13.99
N PHE A 172 -6.95 5.29 14.90
CA PHE A 172 -7.04 5.83 16.26
C PHE A 172 -5.71 5.69 17.00
N LEU A 173 -5.08 4.50 16.90
CA LEU A 173 -3.80 4.29 17.58
C LEU A 173 -2.72 5.22 17.05
N LEU A 174 -2.69 5.41 15.72
CA LEU A 174 -1.72 6.30 15.09
C LEU A 174 -1.93 7.74 15.53
N ALA A 175 -3.19 8.18 15.61
CA ALA A 175 -3.46 9.53 16.07
C ALA A 175 -3.00 9.72 17.51
N GLY A 176 -3.24 8.72 18.36
CA GLY A 176 -2.79 8.82 19.75
C GLY A 176 -1.28 8.87 19.88
N VAL A 177 -0.58 8.01 19.14
CA VAL A 177 0.89 8.00 19.16
C VAL A 177 1.44 9.31 18.62
N GLY A 178 0.82 9.84 17.54
CA GLY A 178 1.26 11.11 17.00
C GLY A 178 1.09 12.25 17.99
N ASP A 179 -0.04 12.29 18.68
CA ASP A 179 -0.25 13.32 19.69
C ASP A 179 0.75 13.21 20.83
N GLN A 180 1.03 11.98 21.29
CA GLN A 180 2.00 11.81 22.37
C GLN A 180 3.40 12.24 21.93
N LEU A 181 3.79 11.87 20.72
CA LEU A 181 5.10 12.26 20.20
C LEU A 181 5.19 13.77 20.05
N GLY A 182 4.11 14.39 19.58
CA GLY A 182 4.10 15.83 19.40
C GLY A 182 4.21 16.58 20.71
N THR A 183 3.46 16.15 21.73
CA THR A 183 3.57 16.80 23.04
C THR A 183 4.95 16.62 23.66
N ILE A 184 5.53 15.42 23.56
CA ILE A 184 6.86 15.20 24.14
C ILE A 184 7.90 16.06 23.44
N PHE A 185 7.87 16.10 22.11
CA PHE A 185 8.82 16.94 21.39
C PHE A 185 8.57 18.42 21.66
N GLY A 186 7.30 18.81 21.79
CA GLY A 186 7.00 20.21 22.04
C GLY A 186 7.50 20.67 23.39
N LYS A 187 7.34 19.84 24.42
CA LYS A 187 7.88 20.18 25.73
C LYS A 187 9.41 20.19 25.71
N GLY A 188 10.03 19.25 25.00
CA GLY A 188 11.47 19.25 24.86
C GLY A 188 12.02 20.53 24.23
N ILE A 189 11.41 20.95 23.12
CA ILE A 189 11.88 22.20 22.50
C ILE A 189 11.40 23.42 23.25
N ALA A 190 10.35 23.30 24.07
CA ALA A 190 9.97 24.39 24.96
C ALA A 190 11.07 24.66 25.96
N LYS A 191 11.58 23.60 26.60
CA LYS A 191 12.68 23.79 27.56
C LYS A 191 13.99 24.15 26.86
N VAL A 192 14.19 23.69 25.62
CA VAL A 192 15.37 24.10 24.87
C VAL A 192 15.31 25.59 24.56
N GLU A 193 14.15 26.08 24.11
CA GLU A 193 13.98 27.50 23.84
C GLU A 193 14.14 28.32 25.12
N LYS A 194 13.56 27.83 26.22
CA LYS A 194 13.65 28.55 27.50
C LYS A 194 15.09 28.71 27.92
N MET A 195 15.88 27.63 27.82
CA MET A 195 17.30 27.72 28.14
C MET A 195 18.03 28.64 27.16
N PHE A 196 17.58 28.68 25.90
CA PHE A 196 18.22 29.48 24.86
C PHE A 196 18.13 30.98 25.13
N VAL A 197 17.18 31.43 25.97
CA VAL A 197 16.94 32.86 26.14
C VAL A 197 18.10 33.59 26.81
N LYS A 198 19.09 32.86 27.33
CA LYS A 198 20.26 33.50 27.93
C LYS A 198 21.01 34.34 26.89
N TRP A 199 21.25 33.79 25.72
CA TRP A 199 21.81 34.53 24.59
C TRP A 199 20.65 35.16 23.83
N ASN A 200 20.57 36.49 23.85
CA ASN A 200 19.46 37.19 23.23
C ASN A 200 19.42 36.88 21.73
N VAL A 201 18.24 36.45 21.26
CA VAL A 201 18.05 36.06 19.87
C VAL A 201 16.76 36.70 19.35
N SER A 202 16.74 36.98 18.06
CA SER A 202 15.55 37.54 17.44
C SER A 202 14.40 36.54 17.49
N GLN A 203 13.18 37.07 17.61
CA GLN A 203 11.99 36.21 17.59
C GLN A 203 11.84 35.53 16.24
N THR A 204 12.22 36.20 15.16
CA THR A 204 12.20 35.59 13.84
C THR A 204 13.24 34.48 13.74
N LYS A 205 12.90 33.44 12.97
CA LYS A 205 13.69 32.25 12.64
C LYS A 205 13.72 31.22 13.77
N ILE A 206 13.09 31.49 14.92
CA ILE A 206 13.06 30.50 15.99
C ILE A 206 12.21 29.29 15.60
N ARG A 207 11.09 29.54 14.90
CA ARG A 207 10.28 28.43 14.42
C ARG A 207 10.98 27.69 13.29
N VAL A 208 11.65 28.44 12.41
CA VAL A 208 12.40 27.81 11.32
C VAL A 208 13.48 26.90 11.88
N THR A 209 14.18 27.34 12.92
CA THR A 209 15.24 26.54 13.52
C THR A 209 14.67 25.33 14.24
N SER A 210 13.54 25.50 14.94
CA SER A 210 12.90 24.35 15.59
C SER A 210 12.46 23.32 14.56
N THR A 211 11.99 23.79 13.39
CA THR A 211 11.53 22.86 12.37
C THR A 211 12.69 22.12 11.70
N VAL A 212 13.79 22.84 11.42
CA VAL A 212 14.98 22.18 10.89
C VAL A 212 15.53 21.18 11.90
N LEU A 213 15.48 21.51 13.19
CA LEU A 213 15.91 20.56 14.21
C LEU A 213 15.02 19.33 14.25
N PHE A 214 13.70 19.53 14.10
CA PHE A 214 12.77 18.41 14.08
C PHE A 214 13.06 17.51 12.89
N ILE A 215 13.26 18.09 11.71
CA ILE A 215 13.52 17.30 10.51
C ILE A 215 14.84 16.56 10.64
N LEU A 216 15.90 17.23 11.11
CA LEU A 216 17.20 16.58 11.21
C LEU A 216 17.19 15.44 12.22
N PHE A 217 16.61 15.67 13.41
CA PHE A 217 16.55 14.62 14.41
C PHE A 217 15.68 13.46 13.96
N GLY A 218 14.57 13.76 13.27
CA GLY A 218 13.68 12.71 12.82
C GLY A 218 14.28 11.85 11.74
N CYS A 219 14.91 12.47 10.73
CA CYS A 219 15.59 11.65 9.72
C CYS A 219 16.73 10.85 10.33
N LEU A 220 17.53 11.47 11.21
CA LEU A 220 18.64 10.76 11.83
C LEU A 220 18.15 9.52 12.60
N LEU A 221 17.12 9.68 13.43
CA LEU A 221 16.65 8.55 14.23
C LEU A 221 15.81 7.53 13.46
N PHE A 222 15.02 7.95 12.46
CA PHE A 222 14.16 7.02 11.74
C PHE A 222 14.69 6.48 10.41
N VAL A 223 15.35 7.28 9.59
CA VAL A 223 15.85 6.80 8.31
C VAL A 223 17.34 6.48 8.35
N ALA A 224 18.14 7.35 8.96
CA ALA A 224 19.59 7.15 8.99
C ALA A 224 20.02 5.91 9.77
N LEU A 225 19.40 5.62 10.91
CA LEU A 225 19.87 4.46 11.66
C LEU A 225 19.26 3.12 11.23
N PRO A 226 17.92 3.00 11.08
CA PRO A 226 17.36 1.71 10.62
C PRO A 226 17.92 1.26 9.29
N ALA A 227 18.24 2.19 8.39
CA ALA A 227 18.89 1.81 7.15
C ALA A 227 20.20 1.08 7.42
N LEU A 228 20.97 1.58 8.40
CA LEU A 228 22.22 0.91 8.76
C LEU A 228 21.96 -0.48 9.34
N ILE A 229 20.97 -0.63 10.23
CA ILE A 229 20.71 -1.95 10.77
C ILE A 229 20.22 -2.92 9.68
N PHE A 230 19.32 -2.46 8.80
CA PHE A 230 18.84 -3.32 7.72
C PHE A 230 19.98 -3.71 6.78
N GLN A 231 20.85 -2.76 6.45
CA GLN A 231 21.96 -3.03 5.56
C GLN A 231 22.90 -4.06 6.17
N HIS A 232 23.21 -3.93 7.46
CA HIS A 232 24.11 -4.88 8.10
C HIS A 232 23.49 -6.27 8.23
N ILE A 233 22.22 -6.35 8.65
CA ILE A 233 21.62 -7.66 8.89
C ILE A 233 21.09 -8.32 7.62
N GLU A 234 21.08 -7.63 6.47
CA GLU A 234 20.51 -8.23 5.28
C GLU A 234 21.34 -8.10 4.01
N GLY A 235 22.44 -7.36 4.01
CA GLY A 235 23.25 -7.29 2.81
C GLY A 235 22.79 -6.29 1.77
N TRP A 236 21.76 -5.51 2.06
CA TRP A 236 21.29 -4.51 1.12
C TRP A 236 22.31 -3.40 0.97
N SER A 237 22.13 -2.58 -0.06
CA SER A 237 22.96 -1.40 -0.21
C SER A 237 22.29 -0.21 0.49
N ALA A 238 23.04 0.90 0.58
CA ALA A 238 22.53 2.08 1.26
C ALA A 238 21.31 2.65 0.57
N LEU A 239 21.35 2.73 -0.77
CA LEU A 239 20.21 3.26 -1.51
C LEU A 239 19.00 2.35 -1.39
N GLU A 240 19.20 1.04 -1.44
CA GLU A 240 18.08 0.11 -1.25
C GLU A 240 17.48 0.24 0.15
N SER A 241 18.33 0.42 1.17
CA SER A 241 17.83 0.60 2.53
C SER A 241 17.02 1.89 2.66
N ILE A 242 17.51 2.99 2.09
CA ILE A 242 16.78 4.26 2.15
C ILE A 242 15.47 4.15 1.41
N TYR A 243 15.50 3.48 0.26
CA TYR A 243 14.29 3.27 -0.53
C TYR A 243 13.27 2.42 0.21
N PHE A 244 13.74 1.37 0.89
CA PHE A 244 12.85 0.52 1.69
C PHE A 244 12.21 1.31 2.81
N VAL A 245 13.01 2.11 3.53
CA VAL A 245 12.47 2.87 4.66
C VAL A 245 11.42 3.87 4.18
N VAL A 246 11.71 4.54 3.06
CA VAL A 246 10.78 5.56 2.57
C VAL A 246 9.49 4.92 2.07
N ILE A 247 9.60 3.85 1.28
CA ILE A 247 8.41 3.17 0.75
C ILE A 247 7.58 2.57 1.88
N THR A 248 8.23 1.95 2.87
CA THR A 248 7.49 1.32 3.97
C THR A 248 6.77 2.36 4.82
N LEU A 249 7.49 3.40 5.26
CA LEU A 249 6.88 4.39 6.15
C LEU A 249 5.84 5.25 5.42
N THR A 250 6.05 5.52 4.14
CA THR A 250 5.08 6.27 3.35
C THR A 250 3.81 5.46 3.11
N THR A 251 3.85 4.15 3.39
CA THR A 251 2.79 3.13 3.28
C THR A 251 2.55 2.69 1.85
N ILE A 252 3.43 3.04 0.91
CA ILE A 252 3.27 2.55 -0.45
C ILE A 252 3.45 1.03 -0.50
N GLY A 253 4.46 0.51 0.18
CA GLY A 253 4.72 -0.91 0.29
C GLY A 253 4.73 -1.71 -0.99
N PHE A 254 5.72 -1.49 -1.85
CA PHE A 254 5.78 -2.19 -3.13
C PHE A 254 5.95 -3.70 -2.94
N GLY A 255 6.80 -4.11 -2.01
CA GLY A 255 7.04 -5.51 -1.74
C GLY A 255 8.27 -6.09 -2.38
N ASP A 256 8.97 -5.34 -3.21
CA ASP A 256 10.22 -5.82 -3.79
C ASP A 256 11.29 -6.00 -2.72
N PHE A 257 11.36 -5.05 -1.79
CA PHE A 257 12.27 -5.11 -0.65
C PHE A 257 11.43 -5.25 0.61
N VAL A 258 11.55 -6.39 1.28
CA VAL A 258 10.86 -6.64 2.53
C VAL A 258 11.89 -7.12 3.55
N ALA A 259 11.86 -6.50 4.74
CA ALA A 259 12.82 -6.86 5.78
C ALA A 259 12.62 -8.29 6.27
N GLY A 260 11.38 -8.70 6.49
CA GLY A 260 11.12 -10.03 7.01
C GLY A 260 11.45 -11.16 6.03
N GLY A 261 11.17 -10.96 4.74
CA GLY A 261 11.32 -12.05 3.80
C GLY A 261 12.64 -12.19 3.08
N SER A 262 13.44 -13.18 3.51
CA SER A 262 14.72 -13.50 2.90
C SER A 262 15.02 -14.96 3.21
N GLU A 263 15.93 -15.55 2.42
CA GLU A 263 16.34 -16.92 2.64
C GLU A 263 17.51 -17.01 3.63
N ILE A 264 17.23 -16.57 4.87
CA ILE A 264 18.17 -16.54 5.99
C ILE A 264 17.34 -16.49 7.27
N GLU A 265 18.00 -16.75 8.40
CA GLU A 265 17.40 -16.76 9.73
C GLU A 265 17.83 -15.54 10.54
N TYR A 266 16.85 -14.84 11.12
CA TYR A 266 17.10 -13.68 11.95
C TYR A 266 16.89 -14.01 13.42
N LEU A 267 17.21 -13.03 14.26
CA LEU A 267 17.00 -13.14 15.69
C LEU A 267 15.52 -13.09 16.04
N ASP A 268 15.19 -13.62 17.22
CA ASP A 268 13.79 -13.72 17.64
C ASP A 268 13.12 -12.36 17.75
N TYR A 269 13.82 -11.36 18.27
CA TYR A 269 13.26 -10.03 18.50
C TYR A 269 13.41 -9.07 17.33
N TYR A 270 13.95 -9.50 16.19
CA TYR A 270 14.15 -8.61 15.05
C TYR A 270 12.83 -8.05 14.52
N LYS A 271 11.82 -8.91 14.35
CA LYS A 271 10.52 -8.46 13.86
C LYS A 271 9.81 -7.52 14.83
N PRO A 272 9.80 -7.77 16.15
CA PRO A 272 9.16 -6.80 17.05
C PRO A 272 9.80 -5.42 17.00
N ILE A 273 11.14 -5.37 16.97
CA ILE A 273 11.84 -4.09 16.85
C ILE A 273 11.48 -3.42 15.55
N VAL A 274 11.36 -4.19 14.47
CA VAL A 274 10.99 -3.61 13.18
C VAL A 274 9.58 -3.02 13.25
N TRP A 275 8.65 -3.72 13.91
CA TRP A 275 7.30 -3.19 14.05
C TRP A 275 7.26 -1.93 14.89
N PHE A 276 8.10 -1.85 15.92
CA PHE A 276 8.12 -0.62 16.73
C PHE A 276 8.64 0.55 15.91
N TRP A 277 9.75 0.33 15.19
CA TRP A 277 10.25 1.36 14.30
C TRP A 277 9.19 1.78 13.28
N ILE A 278 8.37 0.83 12.82
CA ILE A 278 7.33 1.18 11.84
C ILE A 278 6.24 2.01 12.50
N LEU A 279 5.83 1.62 13.71
CA LEU A 279 4.76 2.34 14.40
C LEU A 279 5.14 3.79 14.67
N VAL A 280 6.36 4.02 15.18
CA VAL A 280 6.79 5.40 15.44
C VAL A 280 7.08 6.15 14.14
N GLY A 281 7.69 5.47 13.16
CA GLY A 281 7.99 6.10 11.89
C GLY A 281 6.74 6.57 11.15
N LEU A 282 5.66 5.80 11.26
CA LEU A 282 4.42 6.17 10.60
C LEU A 282 3.90 7.51 11.10
N ALA A 283 3.98 7.74 12.42
CA ALA A 283 3.60 9.02 12.99
C ALA A 283 4.52 10.12 12.51
N TYR A 284 5.83 9.90 12.57
CA TYR A 284 6.78 10.94 12.17
C TYR A 284 6.59 11.32 10.70
N PHE A 285 6.45 10.33 9.81
CA PHE A 285 6.21 10.60 8.40
C PHE A 285 4.87 11.27 8.15
N ALA A 286 3.82 10.88 8.87
CA ALA A 286 2.54 11.56 8.71
C ALA A 286 2.67 13.03 9.06
N ALA A 287 3.40 13.35 10.14
CA ALA A 287 3.66 14.73 10.49
C ALA A 287 4.46 15.45 9.40
N VAL A 288 5.51 14.81 8.88
CA VAL A 288 6.35 15.42 7.86
C VAL A 288 5.55 15.69 6.59
N LEU A 289 4.68 14.75 6.22
CA LEU A 289 3.82 14.93 5.05
C LEU A 289 2.84 16.07 5.27
N SER A 290 2.33 16.21 6.51
CA SER A 290 1.46 17.34 6.81
C SER A 290 2.20 18.66 6.66
N MET A 291 3.46 18.72 7.11
CA MET A 291 4.24 19.95 6.94
C MET A 291 4.49 20.26 5.46
N ILE A 292 4.79 19.22 4.66
CA ILE A 292 4.98 19.44 3.23
C ILE A 292 3.68 19.94 2.58
N GLY A 293 2.54 19.42 3.04
CA GLY A 293 1.27 19.91 2.54
C GLY A 293 1.03 21.37 2.91
N ASP A 294 1.40 21.75 4.14
CA ASP A 294 1.26 23.14 4.57
C ASP A 294 2.14 24.05 3.74
N TRP A 295 3.37 23.61 3.45
CA TRP A 295 4.24 24.38 2.57
C TRP A 295 3.64 24.54 1.18
N LEU A 296 3.04 23.47 0.65
CA LEU A 296 2.40 23.56 -0.66
C LEU A 296 1.24 24.55 -0.62
N ARG A 297 0.47 24.58 0.44
CA ARG A 297 -0.63 25.52 0.49
C ARG A 297 -0.19 26.97 0.45
N VAL A 298 0.86 27.30 1.21
CA VAL A 298 1.40 28.66 1.25
C VAL A 298 1.94 29.07 -0.09
N ILE A 299 2.65 28.17 -0.76
CA ILE A 299 3.16 28.46 -2.07
C ILE A 299 2.00 28.66 -2.99
N SER A 300 0.89 28.00 -2.72
CA SER A 300 -0.27 28.21 -3.57
C SER A 300 -0.90 29.56 -3.32
N LYS A 301 -1.04 29.94 -2.04
CA LYS A 301 -1.58 31.27 -1.71
C LYS A 301 -0.66 32.37 -2.21
N LYS A 302 0.66 32.18 -2.10
CA LYS A 302 1.60 33.19 -2.57
C LYS A 302 1.52 33.34 -4.07
N THR A 303 1.44 32.22 -4.79
CA THR A 303 1.31 32.27 -6.25
C THR A 303 0.02 32.96 -6.65
N LYS A 304 -1.08 32.68 -5.96
CA LYS A 304 -2.36 33.30 -6.29
C LYS A 304 -2.31 34.81 -6.11
N GLU A 305 -1.78 35.27 -4.96
CA GLU A 305 -1.72 36.71 -4.73
C GLU A 305 -0.76 37.39 -5.71
N GLU A 306 0.37 36.74 -6.01
CA GLU A 306 1.33 37.33 -6.95
C GLU A 306 0.72 37.45 -8.35
N VAL A 307 0.00 36.43 -8.80
CA VAL A 307 -0.65 36.48 -10.10
C VAL A 307 -1.73 37.56 -10.12
N GLY A 308 -2.51 37.65 -9.04
CA GLY A 308 -3.54 38.69 -9.00
C GLY A 308 -2.95 40.09 -9.02
N GLU A 309 -1.84 40.30 -8.29
CA GLU A 309 -1.17 41.60 -8.30
C GLU A 309 -0.58 41.92 -9.67
N PHE A 310 0.02 40.92 -10.33
CA PHE A 310 0.55 41.16 -11.65
C PHE A 310 -0.55 41.47 -12.64
N ARG A 311 -1.71 40.83 -12.47
CA ARG A 311 -2.87 41.11 -13.31
C ARG A 311 -3.34 42.54 -13.11
N ALA A 312 -3.45 42.95 -11.84
CA ALA A 312 -3.96 44.28 -11.50
C ALA A 312 -3.07 45.40 -12.04
N HIS A 313 -1.76 45.32 -11.82
CA HIS A 313 -0.94 46.41 -12.38
C HIS A 313 -0.82 46.33 -13.90
N ALA A 314 -0.65 45.10 -14.45
CA ALA A 314 -0.45 44.84 -15.89
C ALA A 314 -1.17 45.76 -16.86
N ALA A 315 -2.42 46.09 -16.56
CA ALA A 315 -3.24 46.97 -17.40
C ALA A 315 -2.57 48.31 -17.67
N THR B 40 -9.16 16.22 21.28
CA THR B 40 -7.77 16.50 20.96
C THR B 40 -6.85 16.13 22.12
N VAL B 41 -5.57 15.92 21.80
CA VAL B 41 -4.48 15.56 22.71
C VAL B 41 -4.88 14.35 23.57
N MET B 42 -4.98 13.19 22.92
CA MET B 42 -5.37 11.96 23.58
C MET B 42 -4.44 11.64 24.76
N LYS B 43 -5.04 11.30 25.89
CA LYS B 43 -4.28 11.05 27.12
C LYS B 43 -3.41 9.81 26.98
N TRP B 44 -2.33 9.78 27.77
CA TRP B 44 -1.40 8.66 27.76
C TRP B 44 -2.03 7.36 28.24
N LYS B 45 -3.09 7.43 29.05
CA LYS B 45 -3.75 6.20 29.50
C LYS B 45 -4.57 5.58 28.38
N THR B 46 -5.26 6.40 27.58
CA THR B 46 -6.05 5.88 26.47
C THR B 46 -5.17 5.21 25.41
N VAL B 47 -3.98 5.78 25.18
CA VAL B 47 -3.07 5.24 24.17
C VAL B 47 -2.64 3.82 24.53
N LEU B 48 -2.36 3.57 25.82
CA LEU B 48 -1.98 2.23 26.25
C LEU B 48 -3.10 1.23 26.04
N ALA B 49 -4.35 1.62 26.33
CA ALA B 49 -5.47 0.72 26.14
C ALA B 49 -5.71 0.42 24.66
N ILE B 50 -5.59 1.45 23.81
CA ILE B 50 -5.75 1.25 22.38
C ILE B 50 -4.64 0.35 21.85
N PHE B 51 -3.42 0.52 22.36
CA PHE B 51 -2.31 -0.34 21.97
C PHE B 51 -2.57 -1.80 22.34
N LEU B 52 -3.07 -2.04 23.56
CA LEU B 52 -3.38 -3.41 23.96
C LEU B 52 -4.49 -4.01 23.10
N LEU B 53 -5.49 -3.20 22.76
CA LEU B 53 -6.56 -3.68 21.88
C LEU B 53 -6.02 -4.04 20.50
N VAL B 54 -5.11 -3.22 19.97
CA VAL B 54 -4.53 -3.48 18.66
C VAL B 54 -3.70 -4.76 18.69
N VAL B 55 -2.92 -4.95 19.76
CA VAL B 55 -2.10 -6.16 19.86
C VAL B 55 -2.97 -7.41 19.98
N LEU B 56 -4.08 -7.32 20.71
CA LEU B 56 -5.00 -8.45 20.79
C LEU B 56 -5.64 -8.74 19.45
N TYR B 57 -5.97 -7.68 18.70
CA TYR B 57 -6.55 -7.86 17.36
C TYR B 57 -5.56 -8.55 16.43
N LEU B 58 -4.28 -8.17 16.52
CA LEU B 58 -3.25 -8.82 15.71
C LEU B 58 -3.05 -10.27 16.11
N ILE B 59 -3.09 -10.58 17.41
CA ILE B 59 -2.95 -11.98 17.84
C ILE B 59 -4.09 -12.82 17.30
N ILE B 60 -5.32 -12.27 17.29
CA ILE B 60 -6.45 -13.03 16.81
C ILE B 60 -6.38 -13.23 15.30
N GLY B 61 -6.03 -12.16 14.57
CA GLY B 61 -5.87 -12.28 13.13
C GLY B 61 -4.77 -13.23 12.74
N ALA B 62 -3.65 -13.21 13.47
CA ALA B 62 -2.54 -14.12 13.20
C ALA B 62 -2.96 -15.56 13.41
N THR B 63 -3.66 -15.84 14.52
CA THR B 63 -4.12 -17.20 14.78
C THR B 63 -5.04 -17.69 13.66
N VAL B 64 -6.01 -16.87 13.26
CA VAL B 64 -6.95 -17.28 12.22
C VAL B 64 -6.24 -17.50 10.90
N PHE B 65 -5.35 -16.57 10.51
CA PHE B 65 -4.64 -16.70 9.24
C PHE B 65 -3.76 -17.94 9.25
N LYS B 66 -3.06 -18.19 10.36
CA LYS B 66 -2.20 -19.37 10.43
C LYS B 66 -2.98 -20.66 10.33
N ALA B 67 -4.13 -20.73 11.01
CA ALA B 67 -4.99 -21.90 10.98
C ALA B 67 -5.59 -22.16 9.61
N LEU B 68 -5.89 -21.10 8.87
CA LEU B 68 -6.51 -21.28 7.57
C LEU B 68 -5.48 -21.56 6.49
N GLU B 69 -4.30 -20.94 6.56
CA GLU B 69 -3.37 -20.97 5.44
C GLU B 69 -2.28 -22.04 5.50
N GLN B 70 -2.08 -22.75 6.61
CA GLN B 70 -1.01 -23.76 6.50
C GLN B 70 -1.24 -24.93 5.51
N PRO B 71 -2.44 -25.53 5.42
CA PRO B 71 -2.59 -26.68 4.51
C PRO B 71 -2.33 -26.35 3.05
N GLU B 72 -2.80 -25.19 2.58
CA GLU B 72 -2.61 -24.83 1.17
C GLU B 72 -1.14 -24.74 0.84
N GLU B 73 -0.34 -24.17 1.75
CA GLU B 73 1.09 -24.06 1.51
C GLU B 73 1.76 -25.42 1.55
N GLY B 74 1.28 -26.33 2.42
CA GLY B 74 1.85 -27.66 2.42
C GLY B 74 1.61 -28.40 1.11
N LEU B 75 0.40 -28.29 0.58
CA LEU B 75 0.10 -28.93 -0.70
C LEU B 75 0.91 -28.31 -1.83
N GLN B 76 1.06 -27.00 -1.83
CA GLN B 76 1.85 -26.35 -2.88
C GLN B 76 3.30 -26.78 -2.84
N LYS B 77 3.88 -26.90 -1.64
CA LYS B 77 5.27 -27.36 -1.52
C LYS B 77 5.43 -28.78 -2.04
N TYR B 78 4.50 -29.68 -1.68
CA TYR B 78 4.60 -31.04 -2.23
C TYR B 78 4.42 -31.05 -3.75
N ARG B 79 3.52 -30.21 -4.26
CA ARG B 79 3.30 -30.18 -5.71
C ARG B 79 4.56 -29.76 -6.45
N ILE B 80 5.24 -28.72 -5.98
CA ILE B 80 6.44 -28.25 -6.69
C ILE B 80 7.57 -29.26 -6.56
N ILE B 81 7.73 -29.90 -5.38
CA ILE B 81 8.79 -30.89 -5.25
C ILE B 81 8.53 -32.09 -6.15
N GLN B 82 7.27 -32.54 -6.22
CA GLN B 82 6.94 -33.67 -7.09
C GLN B 82 7.11 -33.30 -8.56
N GLU B 83 6.81 -32.05 -8.92
CA GLU B 83 7.01 -31.64 -10.31
C GLU B 83 8.48 -31.65 -10.69
N LYS B 84 9.35 -31.18 -9.78
CA LYS B 84 10.78 -31.18 -10.10
C LYS B 84 11.34 -32.60 -10.17
N ILE B 85 10.97 -33.46 -9.22
CA ILE B 85 11.48 -34.83 -9.28
C ILE B 85 10.92 -35.57 -10.49
N ASP B 86 9.69 -35.25 -10.91
CA ASP B 86 9.15 -35.84 -12.14
C ASP B 86 9.93 -35.38 -13.36
N PHE B 87 10.27 -34.08 -13.42
CA PHE B 87 11.05 -33.58 -14.55
C PHE B 87 12.42 -34.24 -14.61
N LEU B 88 13.09 -34.38 -13.46
CA LEU B 88 14.41 -35.01 -13.46
C LEU B 88 14.33 -36.50 -13.76
N SER B 89 13.21 -37.15 -13.41
CA SER B 89 13.03 -38.56 -13.76
C SER B 89 12.80 -38.72 -15.26
N MET B 90 11.94 -37.87 -15.84
CA MET B 90 11.61 -37.96 -17.25
C MET B 90 12.81 -37.63 -18.15
N HIS B 91 13.59 -36.60 -17.80
CA HIS B 91 14.74 -36.21 -18.62
C HIS B 91 16.04 -36.70 -17.98
N THR B 92 16.72 -37.60 -18.68
CA THR B 92 17.96 -38.19 -18.17
C THR B 92 19.12 -37.21 -18.22
N CYS B 93 19.24 -36.43 -19.31
CA CYS B 93 20.42 -35.60 -19.50
C CYS B 93 20.53 -34.53 -18.41
N VAL B 94 19.40 -33.96 -17.99
CA VAL B 94 19.40 -32.91 -16.98
C VAL B 94 19.95 -33.44 -15.66
N GLN B 95 20.65 -32.58 -14.93
CA GLN B 95 21.16 -32.87 -13.61
C GLN B 95 20.69 -31.80 -12.65
N THR B 96 20.71 -32.13 -11.35
CA THR B 96 20.07 -31.30 -10.34
C THR B 96 20.72 -29.92 -10.21
N SER B 97 22.05 -29.82 -10.33
CA SER B 97 22.69 -28.52 -10.21
C SER B 97 22.29 -27.58 -11.34
N GLU B 98 22.29 -28.09 -12.58
CA GLU B 98 21.88 -27.27 -13.73
C GLU B 98 20.40 -26.90 -13.63
N LEU B 99 19.56 -27.84 -13.17
CA LEU B 99 18.14 -27.53 -13.06
C LEU B 99 17.88 -26.47 -11.99
N GLU B 100 18.60 -26.54 -10.87
CA GLU B 100 18.47 -25.50 -9.85
C GLU B 100 18.99 -24.16 -10.36
N ASP B 101 20.06 -24.19 -11.17
CA ASP B 101 20.57 -22.95 -11.76
C ASP B 101 19.53 -22.33 -12.70
N LEU B 102 18.86 -23.15 -13.51
CA LEU B 102 17.80 -22.65 -14.38
C LEU B 102 16.64 -22.07 -13.57
N VAL B 103 16.27 -22.74 -12.48
CA VAL B 103 15.19 -22.23 -11.64
C VAL B 103 15.59 -20.90 -11.01
N LYS B 104 16.85 -20.75 -10.61
CA LYS B 104 17.34 -19.48 -10.10
C LYS B 104 17.27 -18.39 -11.17
N GLN B 105 17.65 -18.72 -12.40
CA GLN B 105 17.58 -17.74 -13.48
C GLN B 105 16.15 -17.28 -13.71
N VAL B 106 15.19 -18.22 -13.66
CA VAL B 106 13.79 -17.87 -13.81
C VAL B 106 13.33 -16.97 -12.67
N VAL B 107 13.73 -17.28 -11.43
CA VAL B 107 13.34 -16.47 -10.28
C VAL B 107 13.88 -15.05 -10.39
N LEU B 108 15.14 -14.90 -10.81
CA LEU B 108 15.68 -13.57 -11.07
C LEU B 108 14.95 -12.87 -12.21
N ALA B 109 14.53 -13.62 -13.23
CA ALA B 109 13.78 -13.02 -14.32
C ALA B 109 12.45 -12.44 -13.83
N ILE B 110 11.75 -13.17 -12.96
CA ILE B 110 10.51 -12.65 -12.38
C ILE B 110 10.80 -11.45 -11.48
N ARG B 111 11.90 -11.49 -10.72
CA ARG B 111 12.27 -10.36 -9.88
C ARG B 111 12.53 -9.12 -10.72
N ALA B 112 13.14 -9.29 -11.90
CA ALA B 112 13.44 -8.18 -12.79
C ALA B 112 12.22 -7.65 -13.54
N GLY B 113 11.06 -8.29 -13.37
CA GLY B 113 9.84 -7.85 -14.01
C GLY B 113 9.55 -8.41 -15.39
N VAL B 114 10.45 -9.20 -15.96
CA VAL B 114 10.26 -9.74 -17.30
C VAL B 114 9.59 -11.11 -17.19
N ASN B 115 8.70 -11.39 -18.15
CA ASN B 115 7.99 -12.66 -18.19
C ASN B 115 8.92 -13.78 -18.67
N PRO B 116 9.18 -14.81 -17.86
CA PRO B 116 10.03 -15.92 -18.30
C PRO B 116 9.40 -16.77 -19.39
N SER B 117 8.13 -17.13 -19.21
CA SER B 117 7.47 -18.05 -20.12
C SER B 117 7.10 -17.35 -21.43
N GLY B 118 7.33 -18.04 -22.53
CA GLY B 118 7.07 -17.49 -23.85
C GLY B 118 8.21 -16.62 -24.33
N HIS B 119 8.09 -16.19 -25.58
CA HIS B 119 9.06 -15.27 -26.15
C HIS B 119 8.46 -13.87 -26.17
N PRO B 120 8.77 -13.01 -25.20
CA PRO B 120 8.16 -11.67 -25.19
C PRO B 120 8.72 -10.79 -26.28
N SER B 121 7.83 -10.19 -27.06
CA SER B 121 8.24 -9.32 -28.15
C SER B 121 8.89 -8.07 -27.59
N GLN B 122 9.90 -7.56 -28.32
CA GLN B 122 10.55 -6.32 -27.92
C GLN B 122 9.60 -5.13 -27.99
N GLU B 123 8.68 -5.12 -28.95
CA GLU B 123 7.74 -4.01 -29.06
C GLU B 123 6.81 -3.92 -27.86
N SER B 124 6.46 -5.05 -27.25
CA SER B 124 5.50 -5.05 -26.13
C SER B 124 6.24 -4.74 -24.83
N SER B 125 6.69 -3.49 -24.73
CA SER B 125 7.34 -3.04 -23.51
C SER B 125 6.32 -2.83 -22.40
N MET B 126 6.69 -3.25 -21.19
CA MET B 126 5.84 -3.15 -20.02
C MET B 126 6.02 -1.83 -19.29
N TRP B 127 7.00 -1.02 -19.69
CA TRP B 127 7.32 0.26 -19.06
C TRP B 127 6.89 1.44 -19.93
N ASP B 128 5.89 1.26 -20.79
CA ASP B 128 5.42 2.32 -21.67
C ASP B 128 4.64 3.39 -20.88
N LEU B 129 4.32 4.48 -21.58
CA LEU B 129 3.66 5.63 -20.96
C LEU B 129 2.36 5.27 -20.26
N SER B 130 1.58 4.34 -20.82
CA SER B 130 0.35 3.91 -20.13
C SER B 130 0.68 3.22 -18.81
N SER B 131 1.72 2.40 -18.82
CA SER B 131 2.11 1.68 -17.62
C SER B 131 2.83 2.61 -16.66
N SER B 132 3.68 3.50 -17.18
CA SER B 132 4.35 4.45 -16.31
C SER B 132 3.32 5.38 -15.67
N PHE B 133 2.28 5.74 -16.40
CA PHE B 133 1.17 6.51 -15.83
C PHE B 133 0.49 5.74 -14.71
N PHE B 134 0.22 4.44 -14.94
CA PHE B 134 -0.38 3.62 -13.89
C PHE B 134 0.52 3.54 -12.67
N PHE B 135 1.82 3.35 -12.88
CA PHE B 135 2.77 3.27 -11.78
C PHE B 135 2.83 4.57 -10.99
N ALA B 136 2.93 5.71 -11.67
CA ALA B 136 2.97 6.99 -10.96
C ALA B 136 1.67 7.25 -10.22
N GLY B 137 0.55 6.77 -10.76
CA GLY B 137 -0.71 6.93 -10.06
C GLY B 137 -0.74 6.09 -8.79
N THR B 138 -0.24 4.85 -8.86
CA THR B 138 -0.18 4.03 -7.65
C THR B 138 0.80 4.60 -6.62
N VAL B 139 1.90 5.21 -7.07
CA VAL B 139 2.85 5.79 -6.13
C VAL B 139 2.22 6.97 -5.38
N ILE B 140 1.60 7.90 -6.12
CA ILE B 140 1.01 9.05 -5.43
C ILE B 140 -0.21 8.62 -4.60
N THR B 141 -0.98 7.65 -5.10
CA THR B 141 -2.14 7.16 -4.38
C THR B 141 -1.77 6.39 -3.10
N THR B 142 -0.57 5.80 -3.09
CA THR B 142 -0.01 4.93 -2.03
C THR B 142 -0.62 3.54 -2.06
N ILE B 143 -1.24 3.14 -3.17
CA ILE B 143 -1.71 1.76 -3.29
C ILE B 143 -0.51 0.82 -3.44
N GLY B 144 0.43 1.18 -4.30
CA GLY B 144 1.68 0.45 -4.49
C GLY B 144 1.52 -1.03 -4.76
N PHE B 145 0.98 -1.39 -5.93
CA PHE B 145 0.72 -2.80 -6.23
C PHE B 145 2.01 -3.62 -6.21
N GLY B 146 3.08 -3.08 -6.77
CA GLY B 146 4.36 -3.75 -6.72
C GLY B 146 4.69 -4.65 -7.89
N ASN B 147 3.76 -4.83 -8.84
CA ASN B 147 4.10 -5.58 -10.04
C ASN B 147 5.18 -4.86 -10.82
N VAL B 148 5.10 -3.53 -10.87
CA VAL B 148 6.10 -2.69 -11.52
C VAL B 148 6.85 -1.95 -10.41
N SER B 149 8.17 -2.05 -10.45
CA SER B 149 9.04 -1.45 -9.45
C SER B 149 10.20 -0.78 -10.16
N PRO B 150 10.90 0.14 -9.50
CA PRO B 150 12.01 0.84 -10.19
C PRO B 150 13.15 -0.05 -10.64
N HIS B 151 13.84 -0.76 -9.74
CA HIS B 151 14.93 -1.71 -10.04
C HIS B 151 16.24 -1.02 -10.42
N THR B 152 16.31 0.31 -10.42
CA THR B 152 17.52 1.03 -10.79
C THR B 152 17.75 2.17 -9.81
N GLU B 153 19.01 2.60 -9.70
CA GLU B 153 19.38 3.68 -8.80
C GLU B 153 18.64 4.98 -9.12
N GLY B 154 18.46 5.30 -10.40
CA GLY B 154 17.84 6.55 -10.74
C GLY B 154 16.33 6.46 -10.61
N GLY B 155 15.78 5.30 -10.94
CA GLY B 155 14.36 5.10 -10.74
C GLY B 155 13.97 5.15 -9.27
N ARG B 156 14.79 4.56 -8.41
CA ARG B 156 14.53 4.58 -6.98
C ARG B 156 14.67 5.98 -6.38
N ILE B 157 15.70 6.73 -6.77
CA ILE B 157 15.85 8.09 -6.26
C ILE B 157 14.68 8.96 -6.72
N PHE B 158 14.34 8.88 -8.01
CA PHE B 158 13.22 9.67 -8.50
C PHE B 158 11.90 9.22 -7.90
N CYS B 159 11.77 7.92 -7.58
CA CYS B 159 10.59 7.45 -6.88
C CYS B 159 10.48 8.05 -5.50
N ILE B 160 11.59 8.15 -4.78
CA ILE B 160 11.56 8.71 -3.42
C ILE B 160 11.14 10.17 -3.47
N ILE B 161 11.77 10.96 -4.34
CA ILE B 161 11.43 12.38 -4.42
C ILE B 161 10.01 12.57 -4.95
N TYR B 162 9.63 11.75 -5.93
CA TYR B 162 8.33 11.87 -6.57
C TYR B 162 7.21 11.53 -5.60
N ALA B 163 7.37 10.47 -4.82
CA ALA B 163 6.38 10.13 -3.80
C ALA B 163 6.30 11.23 -2.75
N LEU B 164 7.45 11.71 -2.26
CA LEU B 164 7.45 12.71 -1.20
C LEU B 164 6.68 13.96 -1.62
N LEU B 165 6.89 14.42 -2.85
CA LEU B 165 6.09 15.54 -3.33
C LEU B 165 4.65 15.13 -3.62
N GLY B 166 4.45 13.94 -4.18
CA GLY B 166 3.14 13.55 -4.70
C GLY B 166 2.05 13.34 -3.68
N ILE B 167 2.37 12.76 -2.52
CA ILE B 167 1.31 12.40 -1.56
C ILE B 167 0.50 13.61 -1.06
N PRO B 168 1.10 14.76 -0.69
CA PRO B 168 0.26 15.90 -0.30
C PRO B 168 -0.67 16.38 -1.41
N LEU B 169 -0.19 16.41 -2.66
CA LEU B 169 -1.01 16.87 -3.78
C LEU B 169 -2.24 15.98 -3.95
N PHE B 170 -2.05 14.66 -3.90
CA PHE B 170 -3.19 13.75 -4.00
C PHE B 170 -4.11 13.90 -2.81
N GLY B 171 -3.54 14.03 -1.60
CA GLY B 171 -4.39 14.27 -0.44
C GLY B 171 -5.31 15.46 -0.63
N PHE B 172 -4.78 16.54 -1.22
CA PHE B 172 -5.61 17.73 -1.51
C PHE B 172 -6.69 17.40 -2.54
N LEU B 173 -6.31 16.69 -3.62
CA LEU B 173 -7.29 16.35 -4.65
C LEU B 173 -8.38 15.43 -4.10
N LEU B 174 -7.99 14.46 -3.27
CA LEU B 174 -8.93 13.55 -2.66
C LEU B 174 -9.89 14.28 -1.73
N ALA B 175 -9.38 15.23 -0.94
CA ALA B 175 -10.25 16.00 -0.07
C ALA B 175 -11.25 16.82 -0.89
N GLY B 176 -10.80 17.41 -1.99
CA GLY B 176 -11.71 18.18 -2.83
C GLY B 176 -12.79 17.31 -3.47
N VAL B 177 -12.40 16.15 -4.00
CA VAL B 177 -13.37 15.24 -4.60
C VAL B 177 -14.35 14.72 -3.56
N GLY B 178 -13.85 14.42 -2.35
CA GLY B 178 -14.73 13.98 -1.28
C GLY B 178 -15.74 15.04 -0.90
N ASP B 179 -15.30 16.29 -0.78
CA ASP B 179 -16.22 17.37 -0.46
C ASP B 179 -17.28 17.55 -1.56
N GLN B 180 -16.86 17.49 -2.82
CA GLN B 180 -17.82 17.64 -3.92
C GLN B 180 -18.84 16.51 -3.92
N LEU B 181 -18.36 15.27 -3.71
CA LEU B 181 -19.27 14.12 -3.67
C LEU B 181 -20.23 14.25 -2.50
N GLY B 182 -19.73 14.71 -1.35
CA GLY B 182 -20.58 14.84 -0.18
C GLY B 182 -21.65 15.90 -0.37
N THR B 183 -21.30 17.05 -0.93
CA THR B 183 -22.30 18.08 -1.18
C THR B 183 -23.34 17.63 -2.20
N ILE B 184 -22.91 16.95 -3.28
CA ILE B 184 -23.88 16.50 -4.28
C ILE B 184 -24.83 15.47 -3.68
N PHE B 185 -24.31 14.51 -2.93
CA PHE B 185 -25.18 13.51 -2.30
C PHE B 185 -26.08 14.16 -1.24
N GLY B 186 -25.54 15.14 -0.51
CA GLY B 186 -26.33 15.80 0.52
C GLY B 186 -27.49 16.57 -0.06
N LYS B 187 -27.27 17.28 -1.16
CA LYS B 187 -28.37 17.98 -1.83
C LYS B 187 -29.37 16.99 -2.41
N GLY B 188 -28.88 15.88 -2.98
CA GLY B 188 -29.80 14.86 -3.49
C GLY B 188 -30.70 14.28 -2.42
N ILE B 189 -30.14 13.92 -1.27
CA ILE B 189 -30.99 13.40 -0.20
C ILE B 189 -31.76 14.50 0.51
N ALA B 190 -31.32 15.76 0.40
CA ALA B 190 -32.12 16.87 0.89
C ALA B 190 -33.43 16.96 0.11
N LYS B 191 -33.34 16.91 -1.22
CA LYS B 191 -34.56 16.97 -2.02
C LYS B 191 -35.37 15.68 -1.91
N VAL B 192 -34.72 14.54 -1.68
CA VAL B 192 -35.46 13.29 -1.44
C VAL B 192 -36.25 13.38 -0.13
N GLU B 193 -35.61 13.88 0.93
CA GLU B 193 -36.31 14.06 2.20
C GLU B 193 -37.43 15.07 2.06
N LYS B 194 -37.19 16.18 1.35
CA LYS B 194 -38.21 17.19 1.17
C LYS B 194 -39.44 16.62 0.47
N MET B 195 -39.23 15.84 -0.59
CA MET B 195 -40.35 15.18 -1.26
C MET B 195 -41.02 14.16 -0.33
N PHE B 196 -40.24 13.52 0.53
CA PHE B 196 -40.76 12.48 1.43
C PHE B 196 -41.77 13.03 2.45
N VAL B 197 -41.76 14.35 2.71
CA VAL B 197 -42.59 14.91 3.80
C VAL B 197 -44.08 14.79 3.51
N LYS B 198 -44.48 14.42 2.29
CA LYS B 198 -45.89 14.24 1.97
C LYS B 198 -46.51 13.15 2.86
N TRP B 199 -45.84 12.01 2.97
CA TRP B 199 -46.24 10.96 3.91
C TRP B 199 -45.57 11.25 5.25
N ASN B 200 -46.38 11.57 6.27
CA ASN B 200 -45.84 11.94 7.57
C ASN B 200 -45.02 10.81 8.14
N VAL B 201 -43.79 11.11 8.54
CA VAL B 201 -42.86 10.13 9.07
C VAL B 201 -42.21 10.69 10.34
N SER B 202 -41.85 9.79 11.24
CA SER B 202 -41.18 10.19 12.48
C SER B 202 -39.80 10.78 12.16
N GLN B 203 -39.40 11.75 12.98
CA GLN B 203 -38.06 12.32 12.82
C GLN B 203 -36.97 11.28 13.09
N THR B 204 -37.22 10.37 14.02
CA THR B 204 -36.30 9.28 14.28
C THR B 204 -36.23 8.33 13.08
N LYS B 205 -35.03 7.78 12.85
CA LYS B 205 -34.65 6.80 11.83
C LYS B 205 -34.47 7.43 10.45
N ILE B 206 -34.68 8.73 10.29
CA ILE B 206 -34.46 9.37 8.98
C ILE B 206 -32.98 9.39 8.65
N ARG B 207 -32.12 9.63 9.64
CA ARG B 207 -30.69 9.58 9.39
C ARG B 207 -30.23 8.16 9.17
N VAL B 208 -30.80 7.20 9.92
CA VAL B 208 -30.44 5.80 9.74
C VAL B 208 -30.79 5.35 8.32
N THR B 209 -31.96 5.78 7.83
CA THR B 209 -32.38 5.38 6.48
C THR B 209 -31.51 6.05 5.43
N SER B 210 -31.16 7.33 5.63
CA SER B 210 -30.28 8.00 4.68
C SER B 210 -28.91 7.33 4.65
N THR B 211 -28.43 6.84 5.80
CA THR B 211 -27.12 6.20 5.84
C THR B 211 -27.16 4.82 5.18
N VAL B 212 -28.21 4.04 5.43
CA VAL B 212 -28.38 2.76 4.74
C VAL B 212 -28.49 2.97 3.23
N LEU B 213 -29.18 4.03 2.81
CA LEU B 213 -29.28 4.33 1.38
C LEU B 213 -27.91 4.69 0.81
N PHE B 214 -27.13 5.46 1.56
CA PHE B 214 -25.79 5.83 1.11
C PHE B 214 -24.92 4.59 0.95
N ILE B 215 -24.96 3.69 1.94
CA ILE B 215 -24.15 2.48 1.89
C ILE B 215 -24.59 1.59 0.73
N LEU B 216 -25.89 1.40 0.55
CA LEU B 216 -26.37 0.52 -0.50
C LEU B 216 -26.04 1.06 -1.89
N PHE B 217 -26.29 2.35 -2.11
CA PHE B 217 -25.99 2.94 -3.41
C PHE B 217 -24.48 2.94 -3.68
N GLY B 218 -23.68 3.19 -2.64
CA GLY B 218 -22.23 3.23 -2.83
C GLY B 218 -21.65 1.88 -3.15
N CYS B 219 -22.05 0.84 -2.40
CA CYS B 219 -21.57 -0.49 -2.73
C CYS B 219 -22.06 -0.93 -4.11
N LEU B 220 -23.33 -0.67 -4.44
CA LEU B 220 -23.85 -1.04 -5.74
C LEU B 220 -23.05 -0.41 -6.87
N LEU B 221 -22.81 0.91 -6.79
CA LEU B 221 -22.10 1.59 -7.88
C LEU B 221 -20.59 1.37 -7.88
N PHE B 222 -19.94 1.20 -6.73
CA PHE B 222 -18.48 1.04 -6.69
C PHE B 222 -17.97 -0.39 -6.60
N VAL B 223 -18.57 -1.28 -5.82
CA VAL B 223 -18.08 -2.64 -5.70
C VAL B 223 -18.87 -3.63 -6.56
N ALA B 224 -20.20 -3.52 -6.56
CA ALA B 224 -21.04 -4.46 -7.30
C ALA B 224 -20.84 -4.39 -8.82
N LEU B 225 -20.71 -3.20 -9.39
CA LEU B 225 -20.57 -3.16 -10.84
C LEU B 225 -19.14 -3.33 -11.36
N PRO B 226 -18.12 -2.62 -10.84
CA PRO B 226 -16.75 -2.85 -11.33
C PRO B 226 -16.29 -4.28 -11.17
N ALA B 227 -16.74 -4.98 -10.14
CA ALA B 227 -16.42 -6.40 -10.02
C ALA B 227 -16.94 -7.17 -11.23
N LEU B 228 -18.15 -6.84 -11.69
CA LEU B 228 -18.69 -7.48 -12.88
C LEU B 228 -17.87 -7.16 -14.12
N ILE B 229 -17.47 -5.90 -14.31
CA ILE B 229 -16.66 -5.57 -15.49
C ILE B 229 -15.30 -6.26 -15.43
N PHE B 230 -14.64 -6.25 -14.25
CA PHE B 230 -13.35 -6.92 -14.14
C PHE B 230 -13.47 -8.41 -14.37
N GLN B 231 -14.52 -9.03 -13.83
CA GLN B 231 -14.72 -10.47 -14.01
C GLN B 231 -14.92 -10.81 -15.48
N HIS B 232 -15.73 -10.02 -16.19
CA HIS B 232 -15.96 -10.30 -17.60
C HIS B 232 -14.72 -10.06 -18.46
N ILE B 233 -14.00 -8.95 -18.23
CA ILE B 233 -12.87 -8.64 -19.10
C ILE B 233 -11.59 -9.38 -18.70
N GLU B 234 -11.57 -10.09 -17.57
CA GLU B 234 -10.33 -10.74 -17.16
C GLU B 234 -10.45 -12.18 -16.72
N GLY B 235 -11.65 -12.75 -16.61
CA GLY B 235 -11.74 -14.15 -16.24
C GLY B 235 -11.67 -14.44 -14.76
N TRP B 236 -11.59 -13.41 -13.92
CA TRP B 236 -11.54 -13.63 -12.47
C TRP B 236 -12.87 -14.19 -11.97
N SER B 237 -12.87 -14.68 -10.75
CA SER B 237 -14.11 -15.09 -10.12
C SER B 237 -14.70 -13.92 -9.34
N ALA B 238 -15.93 -14.11 -8.86
CA ALA B 238 -16.63 -13.05 -8.14
C ALA B 238 -15.91 -12.69 -6.86
N LEU B 239 -15.46 -13.70 -6.10
CA LEU B 239 -14.75 -13.42 -4.85
C LEU B 239 -13.42 -12.73 -5.11
N GLU B 240 -12.70 -13.14 -6.15
CA GLU B 240 -11.45 -12.46 -6.49
C GLU B 240 -11.70 -11.02 -6.90
N SER B 241 -12.77 -10.76 -7.65
CA SER B 241 -13.11 -9.39 -8.03
C SER B 241 -13.45 -8.53 -6.82
N ILE B 242 -14.25 -9.07 -5.89
CA ILE B 242 -14.61 -8.31 -4.69
C ILE B 242 -13.38 -8.04 -3.84
N TYR B 243 -12.50 -9.05 -3.74
CA TYR B 243 -11.26 -8.91 -3.00
C TYR B 243 -10.35 -7.86 -3.62
N PHE B 244 -10.26 -7.86 -4.95
CA PHE B 244 -9.46 -6.85 -5.65
C PHE B 244 -9.99 -5.45 -5.40
N VAL B 245 -11.31 -5.28 -5.52
CA VAL B 245 -11.90 -3.95 -5.33
C VAL B 245 -11.65 -3.45 -3.91
N VAL B 246 -11.82 -4.33 -2.93
CA VAL B 246 -11.66 -3.92 -1.54
C VAL B 246 -10.21 -3.59 -1.24
N ILE B 247 -9.28 -4.45 -1.66
CA ILE B 247 -7.86 -4.22 -1.40
C ILE B 247 -7.37 -2.95 -2.12
N THR B 248 -7.81 -2.75 -3.37
CA THR B 248 -7.36 -1.58 -4.13
C THR B 248 -7.90 -0.28 -3.51
N LEU B 249 -9.21 -0.21 -3.26
CA LEU B 249 -9.78 1.03 -2.76
C LEU B 249 -9.35 1.30 -1.32
N THR B 250 -9.16 0.26 -0.50
CA THR B 250 -8.69 0.44 0.86
C THR B 250 -7.23 0.92 0.89
N THR B 251 -6.53 0.86 -0.26
CA THR B 251 -5.14 1.26 -0.54
C THR B 251 -4.14 0.26 0.00
N ILE B 252 -4.56 -0.94 0.41
CA ILE B 252 -3.59 -1.94 0.83
C ILE B 252 -2.72 -2.38 -0.35
N GLY B 253 -3.34 -2.62 -1.50
CA GLY B 253 -2.63 -2.97 -2.72
C GLY B 253 -1.61 -4.08 -2.64
N PHE B 254 -2.07 -5.32 -2.42
CA PHE B 254 -1.15 -6.44 -2.28
C PHE B 254 -0.37 -6.69 -3.57
N GLY B 255 -1.05 -6.62 -4.72
CA GLY B 255 -0.40 -6.84 -6.00
C GLY B 255 -0.58 -8.21 -6.59
N ASP B 256 -1.20 -9.15 -5.86
CA ASP B 256 -1.47 -10.46 -6.41
C ASP B 256 -2.50 -10.38 -7.54
N PHE B 257 -3.52 -9.55 -7.36
CA PHE B 257 -4.55 -9.29 -8.37
C PHE B 257 -4.40 -7.85 -8.81
N VAL B 258 -4.02 -7.64 -10.07
CA VAL B 258 -3.90 -6.31 -10.65
C VAL B 258 -4.69 -6.30 -11.95
N ALA B 259 -5.54 -5.28 -12.12
CA ALA B 259 -6.36 -5.19 -13.33
C ALA B 259 -5.51 -4.97 -14.58
N GLY B 260 -4.51 -4.08 -14.50
CA GLY B 260 -3.69 -3.78 -15.67
C GLY B 260 -2.81 -4.94 -16.11
N GLY B 261 -2.24 -5.68 -15.17
CA GLY B 261 -1.26 -6.69 -15.54
C GLY B 261 -1.75 -8.09 -15.80
N SER B 262 -1.81 -8.47 -17.08
CA SER B 262 -2.20 -9.80 -17.50
C SER B 262 -1.60 -10.05 -18.87
N GLU B 263 -1.50 -11.31 -19.25
CA GLU B 263 -0.98 -11.69 -20.57
C GLU B 263 -2.10 -11.72 -21.62
N ILE B 264 -2.68 -10.53 -21.84
CA ILE B 264 -3.77 -10.29 -22.79
C ILE B 264 -3.77 -8.79 -23.12
N GLU B 265 -4.49 -8.42 -24.17
CA GLU B 265 -4.61 -7.05 -24.65
C GLU B 265 -6.00 -6.48 -24.34
N TYR B 266 -6.04 -5.30 -23.74
CA TYR B 266 -7.28 -4.61 -23.41
C TYR B 266 -7.51 -3.45 -24.35
N LEU B 267 -8.68 -2.83 -24.20
CA LEU B 267 -9.06 -1.66 -24.97
C LEU B 267 -8.25 -0.45 -24.52
N ASP B 268 -8.17 0.54 -25.41
CA ASP B 268 -7.36 1.73 -25.15
C ASP B 268 -7.83 2.50 -23.92
N TYR B 269 -9.14 2.63 -23.74
CA TYR B 269 -9.71 3.41 -22.64
C TYR B 269 -9.95 2.63 -21.36
N TYR B 270 -9.57 1.35 -21.31
CA TYR B 270 -9.82 0.55 -20.11
C TYR B 270 -9.10 1.10 -18.88
N LYS B 271 -7.82 1.45 -19.03
CA LYS B 271 -7.06 2.00 -17.90
C LYS B 271 -7.57 3.36 -17.44
N PRO B 272 -7.94 4.31 -18.33
CA PRO B 272 -8.50 5.58 -17.82
C PRO B 272 -9.78 5.38 -17.02
N ILE B 273 -10.68 4.51 -17.51
CA ILE B 273 -11.91 4.23 -16.77
C ILE B 273 -11.59 3.61 -15.42
N VAL B 274 -10.58 2.73 -15.38
CA VAL B 274 -10.19 2.11 -14.11
C VAL B 274 -9.68 3.18 -13.14
N TRP B 275 -8.88 4.13 -13.65
CA TRP B 275 -8.38 5.20 -12.79
C TRP B 275 -9.49 6.10 -12.28
N PHE B 276 -10.52 6.34 -13.10
CA PHE B 276 -11.63 7.17 -12.63
C PHE B 276 -12.40 6.44 -11.53
N TRP B 277 -12.70 5.16 -11.75
CA TRP B 277 -13.33 4.37 -10.71
C TRP B 277 -12.49 4.36 -9.43
N ILE B 278 -11.16 4.37 -9.56
CA ILE B 278 -10.30 4.37 -8.37
C ILE B 278 -10.38 5.71 -7.66
N LEU B 279 -10.36 6.80 -8.43
CA LEU B 279 -10.38 8.14 -7.83
C LEU B 279 -11.68 8.36 -7.05
N VAL B 280 -12.82 8.02 -7.64
CA VAL B 280 -14.09 8.20 -6.93
C VAL B 280 -14.24 7.18 -5.78
N GLY B 281 -13.81 5.94 -6.02
CA GLY B 281 -13.91 4.91 -4.98
C GLY B 281 -13.09 5.25 -3.74
N LEU B 282 -11.93 5.88 -3.94
CA LEU B 282 -11.09 6.26 -2.81
C LEU B 282 -11.81 7.21 -1.88
N ALA B 283 -12.53 8.19 -2.45
CA ALA B 283 -13.32 9.10 -1.64
C ALA B 283 -14.45 8.37 -0.92
N TYR B 284 -15.19 7.52 -1.66
CA TYR B 284 -16.31 6.82 -1.04
C TYR B 284 -15.85 5.91 0.10
N PHE B 285 -14.76 5.16 -0.11
CA PHE B 285 -14.21 4.31 0.94
C PHE B 285 -13.67 5.11 2.11
N ALA B 286 -13.01 6.24 1.85
CA ALA B 286 -12.54 7.06 2.96
C ALA B 286 -13.71 7.53 3.83
N ALA B 287 -14.82 7.92 3.18
CA ALA B 287 -16.02 8.27 3.93
C ALA B 287 -16.56 7.09 4.72
N VAL B 288 -16.63 5.92 4.10
CA VAL B 288 -17.18 4.73 4.77
C VAL B 288 -16.31 4.35 5.96
N LEU B 289 -14.98 4.45 5.81
CA LEU B 289 -14.07 4.16 6.90
C LEU B 289 -14.25 5.17 8.04
N SER B 290 -14.50 6.44 7.68
CA SER B 290 -14.76 7.44 8.72
C SER B 290 -16.03 7.11 9.48
N MET B 291 -17.07 6.65 8.78
CA MET B 291 -18.30 6.25 9.47
C MET B 291 -18.08 5.05 10.39
N ILE B 292 -17.30 4.07 9.93
CA ILE B 292 -16.98 2.91 10.78
C ILE B 292 -16.20 3.36 12.01
N GLY B 293 -15.29 4.33 11.84
CA GLY B 293 -14.57 4.88 12.99
C GLY B 293 -15.49 5.57 13.97
N ASP B 294 -16.47 6.32 13.44
CA ASP B 294 -17.44 7.00 14.30
C ASP B 294 -18.27 5.98 15.09
N TRP B 295 -18.68 4.90 14.42
CA TRP B 295 -19.40 3.83 15.11
C TRP B 295 -18.54 3.22 16.21
N LEU B 296 -17.25 3.00 15.93
CA LEU B 296 -16.36 2.45 16.96
C LEU B 296 -16.25 3.41 18.14
N ARG B 297 -16.21 4.70 17.91
CA ARG B 297 -16.13 5.62 19.03
C ARG B 297 -17.34 5.57 19.95
N VAL B 298 -18.53 5.50 19.38
CA VAL B 298 -19.78 5.45 20.15
C VAL B 298 -19.86 4.18 20.97
N ILE B 299 -19.46 3.07 20.38
CA ILE B 299 -19.43 1.81 21.08
C ILE B 299 -18.42 1.92 22.18
N SER B 300 -17.38 2.72 21.96
CA SER B 300 -16.41 2.87 23.04
C SER B 300 -16.98 3.72 24.17
N LYS B 301 -17.64 4.83 23.83
CA LYS B 301 -18.25 5.67 24.85
C LYS B 301 -19.36 4.93 25.58
N LYS B 302 -20.15 4.12 24.84
CA LYS B 302 -21.22 3.37 25.47
C LYS B 302 -20.67 2.32 26.41
N THR B 303 -19.61 1.63 26.00
CA THR B 303 -18.98 0.63 26.87
C THR B 303 -18.41 1.29 28.11
N LYS B 304 -17.78 2.46 27.97
CA LYS B 304 -17.20 3.14 29.12
C LYS B 304 -18.28 3.54 30.13
N GLU B 305 -19.37 4.14 29.65
CA GLU B 305 -20.43 4.54 30.58
C GLU B 305 -21.10 3.33 31.22
N GLU B 306 -21.31 2.26 30.44
CA GLU B 306 -21.94 1.06 31.01
C GLU B 306 -21.06 0.43 32.08
N VAL B 307 -19.75 0.36 31.84
CA VAL B 307 -18.83 -0.19 32.83
C VAL B 307 -18.81 0.69 34.08
N GLY B 308 -18.79 2.02 33.91
CA GLY B 308 -18.79 2.90 35.05
C GLY B 308 -20.07 2.77 35.87
N GLU B 309 -21.22 2.66 35.20
CA GLU B 309 -22.49 2.46 35.90
C GLU B 309 -22.53 1.13 36.64
N PHE B 310 -22.02 0.06 36.00
CA PHE B 310 -21.99 -1.23 36.67
C PHE B 310 -21.07 -1.20 37.87
N ARG B 311 -19.96 -0.45 37.77
CA ARG B 311 -19.04 -0.28 38.89
C ARG B 311 -19.74 0.44 40.04
N ALA B 312 -20.42 1.54 39.70
CA ALA B 312 -21.08 2.36 40.72
C ALA B 312 -22.16 1.62 41.49
N HIS B 313 -23.07 0.91 40.79
CA HIS B 313 -24.08 0.19 41.58
C HIS B 313 -23.48 -1.04 42.27
N ALA B 314 -22.60 -1.80 41.60
CA ALA B 314 -21.99 -3.04 42.07
C ALA B 314 -21.72 -3.13 43.57
N ALA B 315 -21.22 -2.04 44.15
CA ALA B 315 -20.91 -1.98 45.58
C ALA B 315 -22.11 -2.34 46.47
C10 D21 C . 3.96 24.07 -7.46
C11 D21 C . 3.06 24.36 -6.23
C12 D21 C . 1.83 23.44 -6.16
C13 D21 C . 0.66 24.07 -5.40
C14 D21 C . -0.46 23.06 -5.12
C15 D21 C . -1.37 23.52 -3.98
C16 D21 C . -2.52 22.54 -3.75
O17 D21 C . -2.34 21.38 -3.94
O18 D21 C . -3.77 22.99 -3.33
C19 D21 C . -3.80 23.50 -2.01
C20 D21 C . -4.65 24.79 -2.05
C21 D21 C . -6.08 24.48 -1.54
O22 D21 C . -6.34 25.34 -0.43
P23 D21 C . -7.71 26.31 -0.46
O24 D21 C . -7.34 27.71 -0.87
O25 D21 C . -8.32 26.33 0.93
O26 D21 C . -8.72 25.74 -1.45
O30 D21 C . -4.69 25.25 -3.36
C31 D21 C . -4.95 26.65 -3.50
O32 D21 C . -4.95 27.35 -2.54
C33 D21 C . -5.23 27.25 -4.91
C34 D21 C . -5.80 26.19 -5.95
C35 D21 C . -5.21 26.41 -7.39
C36 D21 C . -3.91 25.55 -7.63
C37 D21 C . -2.85 26.31 -8.46
C38 D21 C . -1.50 26.48 -7.70
C39 D21 C . -0.46 27.29 -8.50
C40 D21 C . 0.71 26.37 -8.88
C41 D21 C . 1.77 26.00 -9.57
C42 D21 C . 2.82 26.16 -10.66
C43 D21 C . 3.15 24.78 -11.24
C44 D21 C . 3.04 24.73 -12.78
C45 D21 C . 3.98 23.69 -13.41
C01 D21 D . 11.89 -6.75 22.18
C02 D21 D . 10.63 -7.47 22.72
C03 D21 D . 10.53 -8.95 22.22
C04 D21 D . 9.06 -9.41 22.08
C05 D21 D . 8.89 -10.77 21.35
C06 D21 D . 10.23 -11.40 20.82
C07 D21 D . 10.65 -12.79 21.38
C08 D21 D . 9.70 -14.01 21.28
C09 D21 D . 8.57 -13.96 20.24
C10 D21 D . 8.11 -15.31 19.67
C11 D21 D . 8.97 -15.92 18.54
C12 D21 D . 9.88 -14.92 17.79
C13 D21 D . 9.97 -15.10 16.26
C14 D21 D . 10.92 -16.14 15.62
C15 D21 D . 11.37 -17.32 16.46
C16 D21 D . 10.33 -18.46 16.61
O17 D21 D . 10.25 -19.02 17.65
O18 D21 D . 9.48 -18.82 15.56
C19 D21 D . 8.15 -18.33 15.64
C20 D21 D . 7.27 -19.37 16.34
C21 D21 D . 6.00 -19.59 15.50
O22 D21 D . 6.01 -20.95 15.07
P23 D21 D . 4.83 -21.98 15.65
O24 D21 D . 5.47 -23.06 16.50
O25 D21 D . 4.11 -22.61 14.48
O26 D21 D . 3.83 -21.19 16.47
O30 D21 D . 6.97 -18.89 17.63
C31 D21 D . 5.83 -19.48 18.28
O32 D21 D . 5.78 -20.65 18.48
C33 D21 D . 4.69 -18.54 18.78
C34 D21 D . 5.11 -17.02 18.66
C35 D21 D . 3.91 -16.00 18.50
C36 D21 D . 4.45 -14.53 18.43
C37 D21 D . 3.41 -13.51 17.88
C38 D21 D . 3.57 -12.09 18.52
C39 D21 D . 4.87 -11.95 19.36
C40 D21 D . 4.95 -10.54 19.98
C41 D21 D . 4.67 -9.25 20.10
C42 D21 D . 3.99 -7.93 19.75
C43 D21 D . 4.83 -7.19 18.70
C44 D21 D . 4.92 -5.69 19.01
C45 D21 D . 4.65 -4.75 17.82
C46 D21 D . 3.13 -4.52 17.55
C47 D21 D . 2.90 -3.19 16.77
C48 D21 D . 1.57 -3.19 15.96
C49 D21 D . 1.69 -2.41 14.62
C10 D21 E . -14.99 -3.51 20.34
C11 D21 E . -15.09 -1.97 20.26
C12 D21 E . -13.71 -1.32 20.03
C13 D21 E . -13.66 0.12 20.57
C14 D21 E . -12.39 0.85 20.11
C15 D21 E . -12.53 2.37 20.21
C16 D21 E . -11.24 3.09 19.81
O17 D21 E . -10.54 2.62 18.97
O18 D21 E . -10.87 4.29 20.42
C19 D21 E . -11.71 5.40 20.11
C20 D21 E . -11.96 6.15 21.43
C21 D21 E . -11.03 7.38 21.50
O22 D21 E . -11.85 8.54 21.66
P23 D21 E . -11.55 9.58 22.94
O24 D21 E . -12.53 9.31 24.06
O25 D21 E . -11.72 11.01 22.46
O26 D21 E . -10.14 9.38 23.45
O30 D21 E . -11.70 5.29 22.49
C31 D21 E . -12.37 5.62 23.71
O32 D21 E . -13.20 6.47 23.73
C33 D21 E . -12.01 4.85 25.03
C34 D21 E . -10.54 4.25 25.02
C35 D21 E . -10.49 2.84 25.70
C36 D21 E . -10.70 1.67 24.68
C37 D21 E . -11.55 0.50 25.26
C38 D21 E . -12.85 0.26 24.45
C39 D21 E . -13.73 -0.86 25.06
C40 D21 E . -13.75 -2.06 24.10
C41 D21 E . -13.93 -3.33 23.77
C42 D21 E . -14.29 -4.78 24.05
C43 D21 E . -13.40 -5.69 23.20
C44 D21 E . -12.68 -6.76 24.03
C45 D21 E . -12.38 -8.03 23.22
C01 D21 F . -12.38 7.65 -21.61
C02 D21 F . -11.30 8.72 -21.93
C03 D21 F . -10.10 8.14 -22.73
C04 D21 F . -8.78 8.89 -22.41
C05 D21 F . -7.51 8.18 -22.97
C06 D21 F . -7.78 6.83 -23.68
C07 D21 F . -7.38 6.70 -25.19
C08 D21 F . -5.95 7.01 -25.67
C09 D21 F . -4.81 6.96 -24.62
C10 D21 F . -3.42 6.57 -25.16
C11 D21 F . -3.13 5.07 -25.34
C12 D21 F . -4.07 4.12 -24.56
C13 D21 F . -3.41 2.88 -23.91
C14 D21 F . -3.12 1.60 -24.72
C15 D21 F . -2.99 1.71 -26.24
C16 D21 F . -1.65 2.28 -26.75
O17 D21 F . -1.65 3.00 -27.69
O18 D21 F . -0.43 1.96 -26.12
C19 D21 F . 0.09 2.97 -25.26
C20 D21 F . 1.05 3.86 -26.06
C21 D21 F . 2.37 4.00 -25.27
O22 D21 F . 3.40 3.42 -26.06
P23 D21 F . 4.60 4.41 -26.66
O24 D21 F . 4.54 4.43 -28.18
O25 D21 F . 5.95 3.88 -26.23
O26 D21 F . 4.43 5.80 -26.11
O30 D21 F . 0.43 5.10 -26.27
C31 D21 F . 1.29 6.20 -26.60
O32 D21 F . 1.99 6.16 -27.57
C33 D21 F . 1.25 7.49 -25.71
C34 D21 F . 0.04 7.41 -24.68
C35 D21 F . 0.24 8.25 -23.36
C36 D21 F . -1.02 8.13 -22.44
C37 D21 F . -0.77 8.58 -20.96
C38 D21 F . -2.04 9.23 -20.32
C39 D21 F . -3.32 9.06 -21.17
C40 D21 F . -4.52 9.74 -20.48
C41 D21 F . -5.20 10.24 -19.47
C42 D21 F . -5.46 10.66 -18.03
C43 D21 F . -6.07 9.49 -17.26
C44 D21 F . -7.21 9.95 -16.35
C45 D21 F . -7.15 9.41 -14.89
C46 D21 F . -6.20 10.23 -13.97
C47 D21 F . -6.58 10.04 -12.47
C48 D21 F . -5.38 10.29 -11.51
C49 D21 F . -5.43 9.37 -10.26
K K G . -1.66 3.08 1.93
K K H . -0.13 0.24 0.15
K K I . 1.08 -2.01 -1.26
K K J . 2.45 -4.56 -2.86
#